data_2A0Q
#
_entry.id   2A0Q
#
_cell.length_a   58.510
_cell.length_b   69.740
_cell.length_c   158.160
_cell.angle_alpha   90.00
_cell.angle_beta   90.00
_cell.angle_gamma   90.00
#
_symmetry.space_group_name_H-M   'P 21 21 21'
#
loop_
_entity.id
_entity.type
_entity.pdbx_description
1 polymer 'Thrombin, light chain'
2 polymer 'Thrombin, heavy chain'
3 non-polymer 2-acetamido-2-deoxy-alpha-D-glucopyranose
4 non-polymer 'POTASSIUM ION'
5 non-polymer 'CHLORIDE ION'
6 water water
#
loop_
_entity_poly.entity_id
_entity_poly.type
_entity_poly.pdbx_seq_one_letter_code
_entity_poly.pdbx_strand_id
1 'polypeptide(L)' ADCGLRPLFEKKSLEDKTERELLESYIDGR A,C
2 'polypeptide(L)'
;IVEGSDAEIGMSPWQVMLFRKSPQELLCGASLISDRWVLTAAHCLLYPPWDKNFTENDLLVRIGKHSRTRYEANIEKISM
LEKIYIHPRYNWRENLDRDIALMKLKKPVAFSDYIHPVCLPDRETAASLLQAGYKGRVTGWGNLKETWTANVGKGQPSVL
QVVNLPIVERPVCKDSTRIRITDNMFCAGYKPDEGKRGDACEGDSGGPFVMKSPFNNRWYQMGIVSWGEGCDRDGKYGFY
THVFRLKKWIQKVIDQF
;
B,D
#
# COMPACT_ATOMS: atom_id res chain seq x y z
N ALA A 1 6.89 33.36 13.34
CA ALA A 1 6.31 34.53 14.08
C ALA A 1 4.80 34.36 13.99
N ASP A 2 4.38 34.19 12.74
CA ASP A 2 3.01 33.94 12.36
C ASP A 2 2.96 32.45 11.91
N CYS A 3 4.07 31.75 12.06
CA CYS A 3 4.10 30.33 11.63
C CYS A 3 2.97 29.47 12.23
N GLY A 4 2.55 28.46 11.49
CA GLY A 4 1.55 27.53 12.00
C GLY A 4 0.14 28.02 12.26
N LEU A 5 -0.19 29.24 11.83
CA LEU A 5 -1.55 29.78 11.99
C LEU A 5 -2.05 29.95 10.55
N ARG A 6 -3.03 29.15 10.15
CA ARG A 6 -3.49 29.21 8.77
C ARG A 6 -4.47 30.34 8.51
N PRO A 7 -4.26 31.08 7.40
CA PRO A 7 -5.12 32.21 7.01
C PRO A 7 -6.59 31.84 6.91
N LEU A 8 -6.90 30.66 6.40
CA LEU A 8 -8.29 30.28 6.24
C LEU A 8 -8.89 29.51 7.40
N PHE A 9 -8.10 29.32 8.44
CA PHE A 9 -8.60 28.60 9.59
C PHE A 9 -8.33 29.33 10.91
N GLU A 10 -7.15 29.15 11.50
CA GLU A 10 -6.89 29.80 12.78
C GLU A 10 -7.09 31.32 12.72
N LYS A 11 -6.68 31.94 11.61
CA LYS A 11 -6.80 33.41 11.46
C LYS A 11 -8.24 33.88 11.32
N LYS A 12 -9.15 32.98 10.98
CA LYS A 12 -10.56 33.32 10.81
C LYS A 12 -11.40 32.63 11.87
N SER A 13 -10.73 32.01 12.84
CA SER A 13 -11.43 31.30 13.91
C SER A 13 -12.36 30.23 13.36
N LEU A 14 -11.89 29.52 12.33
CA LEU A 14 -12.63 28.42 11.73
C LEU A 14 -11.78 27.17 11.95
N GLU A 15 -12.43 26.04 12.20
CA GLU A 15 -11.71 24.80 12.42
C GLU A 15 -11.90 23.94 11.18
N ASP A 16 -10.89 23.15 10.82
CA ASP A 16 -11.07 22.29 9.66
C ASP A 16 -11.87 21.10 10.16
N LYS A 17 -12.27 20.23 9.22
CA LYS A 17 -13.12 19.08 9.53
C LYS A 17 -12.61 17.98 10.43
N THR A 18 -11.30 17.88 10.64
CA THR A 18 -10.84 16.79 11.48
C THR A 18 -9.88 17.18 12.58
N GLU A 19 -9.58 18.46 12.74
CA GLU A 19 -8.63 18.83 13.77
C GLU A 19 -9.15 18.52 15.16
N ARG A 20 -10.47 18.43 15.31
CA ARG A 20 -11.04 18.10 16.59
C ARG A 20 -10.53 16.75 17.04
N GLU A 21 -10.38 15.84 16.08
CA GLU A 21 -9.88 14.49 16.37
C GLU A 21 -8.43 14.55 16.96
N LEU A 22 -7.62 15.48 16.49
CA LEU A 22 -6.24 15.62 17.01
C LEU A 22 -6.27 16.12 18.46
N LEU A 23 -7.09 17.14 18.69
CA LEU A 23 -7.20 17.72 20.03
C LEU A 23 -7.78 16.69 21.00
N GLU A 24 -8.73 15.88 20.54
CA GLU A 24 -9.28 14.86 21.41
C GLU A 24 -8.26 13.81 21.79
N SER A 25 -7.30 13.54 20.91
CA SER A 25 -6.29 12.51 21.22
C SER A 25 -5.42 12.92 22.43
N TYR A 26 -5.37 14.22 22.71
CA TYR A 26 -4.60 14.70 23.85
C TYR A 26 -5.32 14.29 25.14
N ILE A 27 -6.63 14.17 25.06
CA ILE A 27 -7.42 13.75 26.22
C ILE A 27 -7.52 12.21 26.25
N ASP A 28 -7.97 11.66 25.13
CA ASP A 28 -8.22 10.22 25.01
C ASP A 28 -7.10 9.26 24.64
N GLY A 29 -6.08 9.75 23.93
CA GLY A 29 -5.01 8.85 23.49
C GLY A 29 -4.01 8.35 24.51
N ARG A 30 -3.86 9.10 25.61
CA ARG A 30 -2.87 8.76 26.63
C ARG A 30 -3.34 9.16 28.03
N ILE B 1 -0.95 8.94 -0.23
CA ILE B 1 -1.85 8.74 0.95
C ILE B 1 -2.91 7.70 0.57
N VAL B 2 -3.15 6.77 1.48
CA VAL B 2 -4.16 5.76 1.26
C VAL B 2 -5.11 5.85 2.46
N GLU B 3 -6.39 5.55 2.23
CA GLU B 3 -7.38 5.54 3.29
C GLU B 3 -7.54 6.87 4.03
N GLY B 4 -7.33 7.98 3.33
CA GLY B 4 -7.47 9.28 3.92
C GLY B 4 -8.66 9.99 3.29
N SER B 5 -8.68 11.31 3.32
CA SER B 5 -9.80 12.02 2.72
C SER B 5 -9.33 13.31 2.11
N ASP B 6 -10.21 13.97 1.36
CA ASP B 6 -9.88 15.24 0.73
C ASP B 6 -9.63 16.30 1.76
N ALA B 7 -8.57 17.05 1.53
CA ALA B 7 -8.22 18.13 2.42
C ALA B 7 -9.10 19.31 2.02
N GLU B 8 -9.37 20.20 2.96
CA GLU B 8 -10.13 21.40 2.61
C GLU B 8 -9.13 22.38 2.02
N ILE B 9 -9.63 23.33 1.26
CA ILE B 9 -8.75 24.32 0.66
C ILE B 9 -8.07 25.11 1.76
N GLY B 10 -6.75 25.27 1.61
CA GLY B 10 -5.93 26.01 2.56
C GLY B 10 -5.74 25.29 3.89
N MET B 11 -6.04 24.01 3.92
CA MET B 11 -5.92 23.25 5.16
C MET B 11 -4.46 22.96 5.53
N SER B 12 -3.60 22.90 4.53
CA SER B 12 -2.17 22.60 4.74
C SER B 12 -1.40 23.55 3.82
N PRO B 13 -1.39 24.85 4.15
CA PRO B 13 -0.72 25.85 3.33
C PRO B 13 0.78 25.76 3.27
N TRP B 14 1.37 24.90 4.10
CA TRP B 14 2.82 24.70 4.09
C TRP B 14 3.18 23.53 3.19
N GLN B 15 2.17 22.89 2.62
CA GLN B 15 2.40 21.75 1.73
C GLN B 15 3.21 22.15 0.50
N VAL B 16 4.21 21.34 0.16
CA VAL B 16 5.02 21.59 -1.04
C VAL B 16 5.18 20.28 -1.80
N MET B 17 5.12 20.36 -3.14
CA MET B 17 5.32 19.18 -3.97
C MET B 17 6.71 19.33 -4.58
N LEU B 18 7.50 18.27 -4.52
CA LEU B 18 8.83 18.33 -5.09
C LEU B 18 8.78 17.55 -6.40
N PHE B 19 9.03 18.26 -7.49
CA PHE B 19 8.98 17.68 -8.83
C PHE B 19 10.31 17.58 -9.52
N ARG B 20 10.47 16.52 -10.31
CA ARG B 20 11.64 16.38 -11.16
C ARG B 20 11.26 17.41 -12.26
N LYS B 21 12.20 18.25 -12.69
CA LYS B 21 11.91 19.28 -13.69
C LYS B 21 11.58 18.69 -15.07
N SER B 22 12.39 17.75 -15.52
CA SER B 22 12.13 17.10 -16.79
C SER B 22 12.93 15.82 -16.92
N PRO B 23 12.28 14.71 -17.21
CA PRO B 23 10.83 14.69 -17.41
C PRO B 23 10.10 15.05 -16.11
N GLN B 24 8.88 15.55 -16.29
CA GLN B 24 8.03 15.97 -15.19
C GLN B 24 7.70 14.76 -14.31
N GLU B 25 7.98 14.84 -13.01
CA GLU B 25 7.63 13.71 -12.14
C GLU B 25 7.49 14.16 -10.69
N LEU B 26 6.35 13.86 -10.06
CA LEU B 26 6.15 14.22 -8.66
C LEU B 26 7.04 13.24 -7.91
N LEU B 27 8.10 13.76 -7.28
CA LEU B 27 9.04 12.88 -6.56
C LEU B 27 8.70 12.63 -5.11
N CYS B 28 8.31 13.70 -4.41
CA CYS B 28 8.09 13.63 -2.99
C CYS B 28 7.28 14.82 -2.49
N GLY B 29 6.96 14.79 -1.20
CA GLY B 29 6.27 15.93 -0.57
C GLY B 29 7.40 16.74 0.08
N ALA B 30 7.05 17.86 0.69
CA ALA B 30 8.02 18.74 1.34
C ALA B 30 7.19 19.77 2.09
N SER B 31 7.83 20.67 2.82
CA SER B 31 7.04 21.63 3.58
C SER B 31 7.72 22.96 3.61
N LEU B 32 6.93 24.03 3.66
CA LEU B 32 7.48 25.40 3.67
C LEU B 32 7.67 25.83 5.12
N ILE B 33 8.92 26.15 5.49
CA ILE B 33 9.24 26.58 6.85
C ILE B 33 9.60 28.07 6.95
N SER B 34 9.75 28.73 5.82
CA SER B 34 9.98 30.20 5.82
C SER B 34 9.76 30.63 4.37
N ASP B 35 9.98 31.90 4.04
CA ASP B 35 9.73 32.31 2.65
C ASP B 35 10.81 31.86 1.65
N ARG B 36 11.87 31.26 2.16
CA ARG B 36 12.96 30.80 1.29
C ARG B 36 13.45 29.38 1.57
N TRP B 37 12.90 28.70 2.57
CA TRP B 37 13.35 27.35 2.91
C TRP B 37 12.26 26.31 2.91
N VAL B 38 12.59 25.18 2.31
CA VAL B 38 11.66 24.07 2.18
C VAL B 38 12.34 22.86 2.78
N LEU B 39 11.60 22.16 3.65
CA LEU B 39 12.11 20.95 4.32
C LEU B 39 11.62 19.67 3.63
N THR B 40 12.48 18.67 3.47
CA THR B 40 12.03 17.42 2.85
C THR B 40 12.91 16.27 3.39
N ALA B 41 12.75 15.09 2.80
CA ALA B 41 13.58 13.95 3.22
C ALA B 41 14.82 13.86 2.34
N ALA B 42 15.95 13.48 2.93
CA ALA B 42 17.17 13.32 2.14
C ALA B 42 17.04 12.26 1.03
N HIS B 43 16.37 11.14 1.32
CA HIS B 43 16.29 10.10 0.29
C HIS B 43 15.53 10.50 -0.97
N CYS B 44 14.79 11.59 -0.92
CA CYS B 44 14.06 12.12 -2.08
C CYS B 44 15.08 12.76 -3.04
N LEU B 45 16.21 13.17 -2.49
CA LEU B 45 17.24 13.84 -3.26
C LEU B 45 18.51 13.03 -3.47
N LEU B 46 18.79 12.12 -2.55
CA LEU B 46 20.02 11.35 -2.65
C LEU B 46 19.86 9.93 -2.20
N TYR B 47 20.07 9.01 -3.13
CA TYR B 47 19.96 7.59 -2.83
C TYR B 47 20.86 6.85 -3.80
N PRO B 48 22.16 6.75 -3.49
CA PRO B 48 23.12 6.06 -4.36
C PRO B 48 22.73 4.71 -4.96
N PRO B 49 22.12 3.81 -4.17
CA PRO B 49 21.76 2.50 -4.75
C PRO B 49 20.99 2.57 -6.07
N TRP B 50 20.21 3.62 -6.25
CA TRP B 50 19.40 3.80 -7.45
C TRP B 50 19.97 4.90 -8.33
N ASP B 51 21.20 5.31 -8.04
CA ASP B 51 21.85 6.32 -8.86
C ASP B 51 21.14 7.67 -8.75
N LYS B 52 20.43 7.89 -7.64
CA LYS B 52 19.71 9.15 -7.42
C LYS B 52 20.56 10.20 -6.72
N ASN B 53 20.83 11.30 -7.41
CA ASN B 53 21.63 12.36 -6.83
C ASN B 53 21.36 13.70 -7.52
N PHE B 54 20.17 14.22 -7.28
CA PHE B 54 19.71 15.48 -7.87
C PHE B 54 20.50 16.73 -7.51
N THR B 55 20.57 17.68 -8.44
CA THR B 55 21.25 18.94 -8.17
C THR B 55 20.13 19.98 -8.14
N GLU B 56 20.47 21.21 -7.77
CA GLU B 56 19.49 22.28 -7.70
C GLU B 56 18.70 22.48 -8.99
N ASN B 57 19.37 22.33 -10.12
CA ASN B 57 18.77 22.56 -11.42
C ASN B 57 17.90 21.43 -11.94
N ASP B 58 17.86 20.30 -11.24
CA ASP B 58 17.04 19.16 -11.68
C ASP B 58 15.61 19.23 -11.16
N LEU B 59 15.31 20.20 -10.32
CA LEU B 59 14.01 20.23 -9.65
C LEU B 59 13.27 21.55 -9.58
N LEU B 60 11.98 21.44 -9.28
CA LEU B 60 11.11 22.58 -9.06
C LEU B 60 10.18 22.18 -7.92
N VAL B 61 9.72 23.16 -7.15
CA VAL B 61 8.77 22.86 -6.09
C VAL B 61 7.50 23.59 -6.45
N ARG B 62 6.37 23.01 -6.10
CA ARG B 62 5.09 23.68 -6.35
C ARG B 62 4.51 23.93 -5.00
N ILE B 63 4.21 25.20 -4.72
CA ILE B 63 3.67 25.60 -3.43
C ILE B 63 2.24 26.12 -3.60
N GLY B 64 1.39 25.83 -2.60
CA GLY B 64 0.02 26.28 -2.58
C GLY B 64 -0.98 25.44 -3.36
N LYS B 65 -0.63 24.21 -3.66
CA LYS B 65 -1.52 23.38 -4.47
C LYS B 65 -2.62 22.63 -3.74
N HIS B 66 -3.68 22.37 -4.48
CA HIS B 66 -4.82 21.61 -3.98
C HIS B 66 -5.08 20.51 -5.00
N SER B 67 -4.96 20.87 -6.28
CA SER B 67 -5.18 19.91 -7.37
C SER B 67 -3.91 19.12 -7.71
N ARG B 68 -4.06 17.82 -7.91
CA ARG B 68 -2.93 16.98 -8.25
C ARG B 68 -2.33 17.29 -9.62
N THR B 69 -3.18 17.55 -10.60
CA THR B 69 -2.74 17.77 -11.98
C THR B 69 -2.94 19.14 -12.61
N ARG B 70 -3.99 19.85 -12.22
CA ARG B 70 -4.25 21.12 -12.84
C ARG B 70 -3.33 22.24 -12.36
N TYR B 71 -2.97 23.16 -13.26
CA TYR B 71 -2.14 24.31 -12.90
C TYR B 71 -3.11 25.30 -12.24
N GLU B 72 -2.87 25.64 -10.99
CA GLU B 72 -3.76 26.53 -10.26
C GLU B 72 -3.31 27.97 -10.36
N ALA B 73 -3.64 28.56 -11.50
CA ALA B 73 -3.25 29.93 -11.78
C ALA B 73 -3.63 30.89 -10.66
N ASN B 74 -2.69 31.79 -10.34
CA ASN B 74 -2.91 32.82 -9.33
C ASN B 74 -3.06 32.29 -7.89
N ILE B 75 -2.82 30.99 -7.71
CA ILE B 75 -2.88 30.36 -6.39
C ILE B 75 -1.49 29.73 -6.12
N GLU B 76 -1.10 28.77 -6.95
CA GLU B 76 0.18 28.12 -6.76
C GLU B 76 1.36 28.94 -7.24
N LYS B 77 2.51 28.64 -6.65
CA LYS B 77 3.77 29.29 -6.98
C LYS B 77 4.74 28.16 -7.30
N ILE B 78 5.45 28.26 -8.41
CA ILE B 78 6.43 27.25 -8.77
C ILE B 78 7.80 27.91 -8.59
N SER B 79 8.64 27.32 -7.75
CA SER B 79 9.96 27.89 -7.49
C SER B 79 11.15 27.01 -7.88
N MET B 80 12.24 27.68 -8.22
CA MET B 80 13.49 27.00 -8.58
C MET B 80 14.30 26.94 -7.30
N LEU B 81 15.28 26.05 -7.26
CA LEU B 81 16.11 25.93 -6.06
C LEU B 81 17.47 26.59 -6.21
N GLU B 82 17.92 27.28 -5.16
CA GLU B 82 19.23 27.91 -5.14
C GLU B 82 20.26 26.86 -4.71
N LYS B 83 19.97 26.14 -3.62
CA LYS B 83 20.90 25.12 -3.13
C LYS B 83 20.15 24.03 -2.35
N ILE B 84 20.76 22.85 -2.31
CA ILE B 84 20.23 21.66 -1.63
C ILE B 84 21.21 21.35 -0.49
N TYR B 85 20.71 21.06 0.71
CA TYR B 85 21.57 20.68 1.83
C TYR B 85 21.07 19.37 2.40
N ILE B 86 21.92 18.36 2.39
CA ILE B 86 21.56 17.04 2.90
C ILE B 86 22.23 16.87 4.25
N HIS B 87 21.58 16.23 5.21
CA HIS B 87 22.21 16.07 6.50
C HIS B 87 23.51 15.28 6.29
N PRO B 88 24.62 15.77 6.85
CA PRO B 88 25.93 15.11 6.71
C PRO B 88 25.99 13.66 7.21
N ARG B 89 25.14 13.29 8.17
CA ARG B 89 25.13 11.91 8.67
C ARG B 89 23.91 11.07 8.25
N TYR B 90 23.27 11.53 7.18
CA TYR B 90 22.15 10.83 6.58
C TYR B 90 22.73 9.44 6.27
N ASN B 91 22.06 8.41 6.77
CA ASN B 91 22.51 7.02 6.64
C ASN B 91 21.64 6.22 5.69
N TRP B 92 21.95 6.25 4.39
CA TRP B 92 21.13 5.50 3.42
C TRP B 92 21.44 4.02 3.34
N ARG B 93 22.65 3.62 3.75
CA ARG B 93 23.03 2.21 3.69
C ARG B 93 22.30 1.28 4.65
N GLU B 94 21.92 1.79 5.81
CA GLU B 94 21.28 0.91 6.77
C GLU B 94 19.80 1.10 7.03
N ASN B 95 19.38 2.32 7.36
CA ASN B 95 17.97 2.52 7.73
C ASN B 95 17.38 3.91 7.51
N LEU B 96 18.03 4.72 6.69
CA LEU B 96 17.54 6.06 6.45
C LEU B 96 17.60 6.95 7.69
N ASP B 97 18.56 6.68 8.57
CA ASP B 97 18.69 7.52 9.75
C ASP B 97 19.01 8.96 9.31
N ARG B 98 18.46 9.94 10.01
CA ARG B 98 18.70 11.34 9.66
C ARG B 98 18.28 11.63 8.22
N ASP B 99 17.06 11.21 7.88
CA ASP B 99 16.50 11.38 6.55
C ASP B 99 15.91 12.78 6.46
N ILE B 100 16.79 13.76 6.27
CA ILE B 100 16.32 15.14 6.23
C ILE B 100 17.17 15.98 5.29
N ALA B 101 16.56 16.94 4.62
CA ALA B 101 17.30 17.80 3.70
C ALA B 101 16.60 19.15 3.64
N LEU B 102 17.38 20.20 3.35
CA LEU B 102 16.81 21.53 3.22
C LEU B 102 17.03 22.00 1.78
N MET B 103 16.08 22.77 1.26
CA MET B 103 16.18 23.30 -0.08
C MET B 103 15.91 24.78 0.02
N LYS B 104 16.87 25.59 -0.42
CA LYS B 104 16.73 27.03 -0.39
C LYS B 104 16.22 27.46 -1.76
N LEU B 105 15.13 28.22 -1.77
CA LEU B 105 14.54 28.66 -3.02
C LEU B 105 15.38 29.78 -3.66
N LYS B 106 15.37 29.86 -4.98
CA LYS B 106 16.14 30.92 -5.64
C LYS B 106 15.61 32.28 -5.18
N LYS B 107 14.29 32.39 -5.08
CA LYS B 107 13.67 33.63 -4.67
C LYS B 107 12.63 33.38 -3.61
N PRO B 108 12.42 34.34 -2.72
CA PRO B 108 11.42 34.16 -1.66
C PRO B 108 10.01 34.08 -2.26
N VAL B 109 9.17 33.27 -1.64
CA VAL B 109 7.80 33.10 -2.09
C VAL B 109 6.93 33.99 -1.22
N ALA B 110 5.93 34.65 -1.81
CA ALA B 110 5.05 35.52 -1.02
C ALA B 110 3.98 34.65 -0.38
N PHE B 111 3.63 34.94 0.86
CA PHE B 111 2.59 34.14 1.52
C PHE B 111 1.20 34.58 1.06
N SER B 112 0.23 33.70 1.18
CA SER B 112 -1.14 33.99 0.77
C SER B 112 -2.05 33.13 1.63
N ASP B 113 -3.33 33.04 1.26
CA ASP B 113 -4.24 32.19 2.01
C ASP B 113 -3.87 30.74 1.80
N TYR B 114 -3.14 30.46 0.72
CA TYR B 114 -2.78 29.10 0.35
C TYR B 114 -1.31 28.73 0.59
N ILE B 115 -0.52 29.73 0.92
CA ILE B 115 0.91 29.56 1.12
C ILE B 115 1.31 30.20 2.43
N HIS B 116 1.67 29.36 3.40
CA HIS B 116 2.02 29.86 4.71
C HIS B 116 2.91 28.82 5.39
N PRO B 117 3.95 29.28 6.09
CA PRO B 117 4.87 28.36 6.78
C PRO B 117 4.35 27.69 8.05
N VAL B 118 4.81 26.45 8.24
CA VAL B 118 4.44 25.70 9.42
C VAL B 118 5.54 26.00 10.45
N CYS B 119 5.25 25.89 11.74
CA CYS B 119 6.29 26.10 12.73
C CYS B 119 7.14 24.86 12.92
N LEU B 120 8.38 25.05 13.38
CA LEU B 120 9.24 23.91 13.72
C LEU B 120 9.18 23.81 15.25
N PRO B 121 9.12 22.58 15.81
CA PRO B 121 9.07 22.45 17.26
C PRO B 121 10.33 22.92 17.98
N ASP B 122 10.15 23.22 19.25
CA ASP B 122 11.20 23.60 20.18
C ASP B 122 11.17 22.41 21.20
N ARG B 123 12.05 22.40 22.19
CA ARG B 123 12.06 21.28 23.14
C ARG B 123 10.77 21.08 23.91
N GLU B 124 10.09 22.18 24.26
CA GLU B 124 8.86 22.06 25.00
C GLU B 124 7.77 21.38 24.16
N THR B 125 7.61 21.84 22.91
CA THR B 125 6.62 21.28 22.02
C THR B 125 6.92 19.81 21.69
N ALA B 126 8.19 19.48 21.51
CA ALA B 126 8.54 18.10 21.20
C ALA B 126 8.16 17.18 22.35
N ALA B 127 8.50 17.61 23.57
CA ALA B 127 8.22 16.81 24.76
C ALA B 127 6.71 16.68 25.04
N SER B 128 5.98 17.76 24.79
CA SER B 128 4.56 17.70 25.10
C SER B 128 3.72 16.99 24.05
N LEU B 129 4.12 17.09 22.79
CA LEU B 129 3.31 16.49 21.71
C LEU B 129 3.76 15.16 21.16
N LEU B 130 5.05 14.87 21.22
CA LEU B 130 5.50 13.61 20.61
C LEU B 130 5.37 12.48 21.62
N GLN B 131 4.14 12.02 21.80
CA GLN B 131 3.85 10.96 22.75
C GLN B 131 2.90 9.94 22.12
N ALA B 132 3.17 8.67 22.38
CA ALA B 132 2.32 7.61 21.85
C ALA B 132 0.85 7.80 22.23
N GLY B 133 -0.01 7.64 21.23
CA GLY B 133 -1.44 7.78 21.44
C GLY B 133 -1.94 9.13 20.95
N TYR B 134 -1.06 10.13 20.94
CA TYR B 134 -1.48 11.44 20.44
C TYR B 134 -1.48 11.31 18.92
N LYS B 135 -2.35 12.04 18.25
CA LYS B 135 -2.43 11.95 16.79
C LYS B 135 -1.83 13.16 16.10
N GLY B 136 -1.17 12.89 14.98
CA GLY B 136 -0.61 13.94 14.15
C GLY B 136 -1.32 13.82 12.82
N ARG B 137 -0.91 14.62 11.85
CA ARG B 137 -1.55 14.63 10.56
C ARG B 137 -0.56 14.55 9.40
N VAL B 138 -0.85 13.69 8.45
CA VAL B 138 0.02 13.59 7.29
C VAL B 138 -0.75 13.95 6.04
N THR B 139 -0.08 14.57 5.08
CA THR B 139 -0.74 15.00 3.87
C THR B 139 0.04 14.57 2.66
N GLY B 140 -0.66 14.44 1.56
CA GLY B 140 -0.01 14.02 0.33
C GLY B 140 -1.00 13.82 -0.79
N TRP B 141 -0.64 12.99 -1.76
CA TRP B 141 -1.52 12.75 -2.89
C TRP B 141 -1.89 11.29 -3.12
N GLY B 142 -3.06 11.05 -3.71
CA GLY B 142 -3.50 9.70 -3.99
C GLY B 142 -2.70 9.00 -5.09
N SER B 158 -7.66 13.29 -6.92
CA SER B 158 -7.38 14.42 -7.78
C SER B 158 -7.04 15.63 -6.92
N VAL B 159 -7.29 15.52 -5.62
CA VAL B 159 -7.05 16.60 -4.67
C VAL B 159 -6.16 16.18 -3.45
N LEU B 160 -5.55 17.15 -2.79
CA LEU B 160 -4.68 16.87 -1.63
C LEU B 160 -5.39 15.96 -0.63
N GLN B 161 -4.69 14.93 -0.17
CA GLN B 161 -5.29 14.01 0.77
C GLN B 161 -4.74 14.25 2.17
N VAL B 162 -5.53 13.89 3.17
CA VAL B 162 -5.10 14.08 4.54
C VAL B 162 -5.51 12.89 5.35
N VAL B 163 -4.67 12.55 6.32
CA VAL B 163 -5.03 11.48 7.22
C VAL B 163 -4.43 11.76 8.58
N ASN B 164 -5.23 11.61 9.64
CA ASN B 164 -4.73 11.82 11.00
C ASN B 164 -4.33 10.45 11.52
N LEU B 165 -3.14 10.35 12.11
CA LEU B 165 -2.62 9.07 12.61
C LEU B 165 -1.99 9.18 13.98
N PRO B 166 -2.13 8.13 14.81
CA PRO B 166 -1.54 8.19 16.15
C PRO B 166 -0.06 7.77 16.19
N ILE B 167 0.70 8.43 17.05
CA ILE B 167 2.10 8.08 17.27
C ILE B 167 2.02 6.74 18.03
N VAL B 168 2.95 5.84 17.69
CA VAL B 168 3.00 4.51 18.25
C VAL B 168 4.14 4.40 19.25
N GLU B 169 3.95 3.58 20.28
CA GLU B 169 4.97 3.37 21.32
C GLU B 169 6.26 2.89 20.66
N ARG B 170 7.42 3.38 21.11
CA ARG B 170 8.68 2.97 20.48
C ARG B 170 8.89 1.45 20.47
N PRO B 171 8.56 0.73 21.56
CA PRO B 171 8.77 -0.73 21.55
C PRO B 171 7.93 -1.43 20.48
N VAL B 172 6.70 -0.93 20.26
CA VAL B 172 5.83 -1.50 19.25
C VAL B 172 6.43 -1.17 17.88
N CYS B 173 6.92 0.05 17.70
CA CYS B 173 7.55 0.42 16.42
C CYS B 173 8.71 -0.52 16.14
N LYS B 174 9.59 -0.66 17.14
CA LYS B 174 10.77 -1.51 16.95
C LYS B 174 10.40 -2.97 16.70
N ASP B 175 9.38 -3.48 17.37
CA ASP B 175 9.00 -4.88 17.18
C ASP B 175 8.30 -5.16 15.85
N SER B 176 7.89 -4.09 15.16
CA SER B 176 7.17 -4.27 13.92
C SER B 176 8.03 -4.43 12.69
N THR B 177 9.34 -4.23 12.84
CA THR B 177 10.19 -4.31 11.66
C THR B 177 11.55 -4.92 11.97
N ARG B 178 12.22 -5.46 10.96
CA ARG B 178 13.55 -6.03 11.18
C ARG B 178 14.59 -4.92 11.09
N ILE B 179 14.17 -3.75 10.61
CA ILE B 179 15.09 -2.61 10.48
C ILE B 179 15.40 -2.03 11.86
N ARG B 180 16.63 -1.57 12.07
CA ARG B 180 17.01 -0.99 13.35
C ARG B 180 16.55 0.45 13.36
N ILE B 181 15.74 0.78 14.35
CA ILE B 181 15.17 2.10 14.53
C ILE B 181 16.07 2.94 15.40
N THR B 182 16.28 4.19 15.02
CA THR B 182 17.13 5.09 15.81
C THR B 182 16.31 6.16 16.53
N ASP B 183 16.99 6.91 17.39
CA ASP B 183 16.35 7.98 18.13
C ASP B 183 15.96 9.09 17.19
N ASN B 184 16.45 9.05 15.97
CA ASN B 184 16.10 10.09 15.01
C ASN B 184 14.82 9.80 14.22
N MET B 185 14.10 8.73 14.59
CA MET B 185 12.85 8.37 13.91
C MET B 185 11.76 8.03 14.91
N PHE B 186 10.50 8.10 14.47
CA PHE B 186 9.38 7.66 15.31
C PHE B 186 8.41 7.07 14.33
N CYS B 187 7.44 6.31 14.82
CA CYS B 187 6.51 5.75 13.87
C CYS B 187 5.08 6.07 14.29
N ALA B 188 4.19 6.05 13.31
CA ALA B 188 2.78 6.40 13.56
C ALA B 188 1.91 5.59 12.65
N GLY B 189 0.66 5.41 13.07
CA GLY B 189 -0.28 4.63 12.27
C GLY B 189 -1.15 3.84 13.23
N TYR B 190 -2.29 3.38 12.75
CA TYR B 190 -3.21 2.64 13.62
C TYR B 190 -2.75 1.21 13.77
N LYS B 191 -3.01 0.64 14.94
CA LYS B 191 -2.67 -0.77 15.21
C LYS B 191 -3.84 -1.61 14.68
N PRO B 192 -3.63 -2.93 14.49
CA PRO B 192 -4.72 -3.76 13.98
C PRO B 192 -6.02 -3.78 14.80
N ASP B 193 -5.93 -3.45 16.09
CA ASP B 193 -7.12 -3.49 16.95
C ASP B 193 -7.80 -2.14 17.10
N GLU B 194 -7.33 -1.15 16.36
CA GLU B 194 -7.86 0.21 16.46
C GLU B 194 -9.01 0.59 15.54
N GLY B 195 -9.38 -0.33 14.64
CA GLY B 195 -10.51 -0.10 13.77
C GLY B 195 -10.44 0.97 12.70
N LYS B 196 -9.31 1.65 12.60
CA LYS B 196 -9.17 2.71 11.60
C LYS B 196 -7.91 2.42 10.79
N ARG B 197 -7.80 3.02 9.62
CA ARG B 197 -6.64 2.80 8.74
C ARG B 197 -6.14 4.15 8.28
N GLY B 198 -5.18 4.09 7.36
CA GLY B 198 -4.64 5.31 6.79
C GLY B 198 -3.15 5.31 6.88
N ASP B 199 -2.49 5.85 5.87
CA ASP B 199 -1.02 5.86 5.92
C ASP B 199 -0.49 6.76 4.81
N ALA B 200 0.75 7.20 4.98
CA ALA B 200 1.45 7.99 3.99
C ALA B 200 2.26 6.93 3.24
N CYS B 201 2.34 7.02 1.92
CA CYS B 201 3.08 6.00 1.17
C CYS B 201 4.44 6.46 0.68
N GLU B 202 5.16 5.62 -0.06
CA GLU B 202 6.48 6.02 -0.52
C GLU B 202 6.40 7.34 -1.29
N GLY B 203 5.34 7.52 -2.07
CA GLY B 203 5.21 8.75 -2.87
C GLY B 203 5.04 10.00 -2.02
N ASP B 204 4.65 9.81 -0.77
CA ASP B 204 4.43 10.93 0.14
C ASP B 204 5.68 11.26 0.94
N SER B 205 6.76 10.49 0.74
CA SER B 205 8.03 10.71 1.44
C SER B 205 8.41 12.15 1.35
N GLY B 206 9.01 12.66 2.40
CA GLY B 206 9.45 14.05 2.41
C GLY B 206 8.40 15.01 2.91
N GLY B 207 7.13 14.59 2.90
CA GLY B 207 6.06 15.43 3.36
C GLY B 207 6.00 15.57 4.88
N PRO B 208 5.24 16.54 5.38
CA PRO B 208 5.14 16.77 6.82
C PRO B 208 4.12 15.99 7.64
N PHE B 209 4.55 15.64 8.85
CA PHE B 209 3.65 15.01 9.83
C PHE B 209 3.52 16.18 10.82
N VAL B 210 2.32 16.77 10.87
CA VAL B 210 2.12 17.92 11.74
C VAL B 210 1.20 17.65 12.93
N MET B 211 1.31 18.49 13.96
CA MET B 211 0.46 18.38 15.14
C MET B 211 0.01 19.78 15.55
N LYS B 212 -1.22 19.89 16.05
CA LYS B 212 -1.72 21.20 16.51
C LYS B 212 -1.55 21.34 18.01
N SER B 213 -0.82 22.35 18.46
CA SER B 213 -0.62 22.51 19.89
C SER B 213 -1.92 22.94 20.56
N PRO B 214 -2.32 22.24 21.64
CA PRO B 214 -3.55 22.59 22.33
C PRO B 214 -3.27 23.78 23.25
N PHE B 215 -2.02 24.24 23.25
CA PHE B 215 -1.63 25.38 24.11
C PHE B 215 -1.65 26.73 23.40
N ASN B 216 -1.08 26.81 22.19
CA ASN B 216 -1.07 28.08 21.46
C ASN B 216 -1.78 28.00 20.12
N ASN B 217 -2.47 26.88 19.87
CA ASN B 217 -3.23 26.71 18.63
C ASN B 217 -2.45 26.69 17.34
N ARG B 218 -1.12 26.58 17.42
CA ARG B 218 -0.31 26.56 16.21
C ARG B 218 0.03 25.14 15.74
N TRP B 219 0.28 25.02 14.43
CA TRP B 219 0.66 23.74 13.87
C TRP B 219 2.16 23.61 13.85
N TYR B 220 2.67 22.47 14.28
CA TYR B 220 4.11 22.23 14.31
C TYR B 220 4.43 21.00 13.47
N GLN B 221 5.52 21.06 12.71
CA GLN B 221 5.91 19.90 11.95
C GLN B 221 6.80 19.05 12.84
N MET B 222 6.28 17.91 13.28
CA MET B 222 7.03 17.04 14.16
C MET B 222 7.79 15.97 13.38
N GLY B 223 7.28 15.60 12.21
CA GLY B 223 7.99 14.59 11.44
C GLY B 223 8.05 14.86 9.96
N ILE B 224 8.83 14.03 9.27
CA ILE B 224 8.95 14.06 7.82
C ILE B 224 8.73 12.61 7.42
N VAL B 225 7.78 12.36 6.53
CA VAL B 225 7.53 10.99 6.05
C VAL B 225 8.88 10.48 5.52
N SER B 226 9.35 9.37 6.09
CA SER B 226 10.64 8.82 5.68
C SER B 226 10.58 7.44 4.99
N TRP B 227 9.98 6.46 5.63
CA TRP B 227 9.92 5.11 5.03
C TRP B 227 8.90 4.19 5.69
N GLY B 228 8.56 3.12 5.00
CA GLY B 228 7.64 2.13 5.53
C GLY B 228 7.90 0.85 4.77
N GLU B 229 7.20 -0.22 5.11
CA GLU B 229 7.41 -1.47 4.41
C GLU B 229 6.08 -1.90 3.79
N GLY B 230 5.57 -1.06 2.90
CA GLY B 230 4.29 -1.32 2.26
C GLY B 230 3.27 -0.42 2.94
N CYS B 231 2.59 0.38 2.14
CA CYS B 231 1.63 1.36 2.64
C CYS B 231 0.38 0.81 3.31
N ASP B 232 0.07 1.33 4.50
CA ASP B 232 -1.16 0.96 5.20
C ASP B 232 -1.34 -0.53 5.39
N ARG B 233 -0.34 -1.18 5.97
CA ARG B 233 -0.43 -2.60 6.22
C ARG B 233 -0.68 -2.89 7.68
N ASP B 234 -1.51 -3.90 7.93
CA ASP B 234 -1.78 -4.31 9.29
C ASP B 234 -0.52 -4.67 10.06
N GLY B 235 -0.35 -4.11 11.25
CA GLY B 235 0.82 -4.45 12.03
C GLY B 235 2.14 -3.84 11.61
N LYS B 236 2.10 -2.94 10.62
CA LYS B 236 3.30 -2.25 10.14
C LYS B 236 2.98 -0.76 10.29
N TYR B 237 4.03 0.04 10.43
CA TYR B 237 3.84 1.47 10.66
C TYR B 237 4.69 2.33 9.78
N GLY B 238 4.24 3.55 9.56
CA GLY B 238 5.06 4.45 8.77
C GLY B 238 6.10 5.04 9.72
N PHE B 239 7.32 5.25 9.21
CA PHE B 239 8.39 5.85 9.99
C PHE B 239 8.67 7.28 9.55
N TYR B 240 8.95 8.14 10.51
CA TYR B 240 9.15 9.56 10.28
C TYR B 240 10.44 10.09 10.88
N THR B 241 11.06 11.04 10.17
CA THR B 241 12.27 11.65 10.70
C THR B 241 11.79 12.52 11.85
N HIS B 242 12.45 12.39 13.00
CA HIS B 242 12.12 13.17 14.20
C HIS B 242 12.66 14.60 13.99
N VAL B 243 11.82 15.50 13.50
CA VAL B 243 12.29 16.85 13.20
C VAL B 243 12.99 17.58 14.34
N PHE B 244 12.44 17.51 15.54
CA PHE B 244 13.09 18.25 16.61
C PHE B 244 14.48 17.74 16.95
N ARG B 245 14.68 16.43 16.82
CA ARG B 245 16.00 15.83 17.12
C ARG B 245 17.03 16.49 16.20
N LEU B 246 16.59 16.90 15.02
CA LEU B 246 17.51 17.47 14.04
C LEU B 246 17.40 18.98 13.85
N LYS B 247 16.66 19.64 14.73
CA LYS B 247 16.44 21.08 14.64
C LYS B 247 17.78 21.84 14.68
N LYS B 248 18.72 21.39 15.50
CA LYS B 248 20.02 22.07 15.57
C LYS B 248 20.69 22.16 14.21
N TRP B 249 20.65 21.06 13.45
CA TRP B 249 21.23 21.05 12.12
C TRP B 249 20.46 22.03 11.20
N ILE B 250 19.13 22.02 11.27
CA ILE B 250 18.31 22.91 10.45
C ILE B 250 18.67 24.37 10.71
N GLN B 251 18.77 24.74 11.99
CA GLN B 251 19.13 26.12 12.38
C GLN B 251 20.53 26.49 11.94
N LYS B 252 21.44 25.53 12.01
CA LYS B 252 22.82 25.75 11.59
C LYS B 252 22.84 26.10 10.10
N VAL B 253 22.16 25.30 9.28
CA VAL B 253 22.13 25.54 7.84
C VAL B 253 21.48 26.87 7.49
N ILE B 254 20.31 27.14 8.08
CA ILE B 254 19.60 28.39 7.80
C ILE B 254 20.37 29.62 8.27
N ASP B 255 21.08 29.50 9.38
CA ASP B 255 21.86 30.62 9.91
C ASP B 255 23.12 30.87 9.09
N GLN B 256 23.76 29.81 8.62
CA GLN B 256 24.96 29.96 7.82
C GLN B 256 24.59 30.20 6.36
N PHE B 257 23.46 29.61 5.96
CA PHE B 257 22.93 29.68 4.60
C PHE B 257 23.68 28.72 3.69
N ALA C 1 -16.76 -25.10 -17.83
CA ALA C 1 -17.70 -25.11 -19.00
C ALA C 1 -17.94 -23.70 -19.47
N ASP C 2 -18.45 -22.87 -18.59
CA ASP C 2 -18.74 -21.46 -18.87
C ASP C 2 -17.70 -20.64 -18.08
N CYS C 3 -16.67 -21.34 -17.63
CA CYS C 3 -15.61 -20.73 -16.81
C CYS C 3 -14.92 -19.52 -17.40
N GLY C 4 -14.56 -18.59 -16.50
CA GLY C 4 -13.81 -17.44 -16.93
C GLY C 4 -14.50 -16.34 -17.68
N LEU C 5 -15.81 -16.46 -17.90
CA LEU C 5 -16.54 -15.41 -18.59
C LEU C 5 -17.36 -14.76 -17.50
N ARG C 6 -17.08 -13.50 -17.22
CA ARG C 6 -17.81 -12.80 -16.16
C ARG C 6 -19.16 -12.26 -16.58
N PRO C 7 -20.20 -12.60 -15.82
CA PRO C 7 -21.56 -12.14 -16.09
C PRO C 7 -21.66 -10.65 -16.33
N LEU C 8 -21.00 -9.84 -15.49
CA LEU C 8 -21.09 -8.38 -15.65
C LEU C 8 -20.09 -7.72 -16.57
N PHE C 9 -19.28 -8.52 -17.25
CA PHE C 9 -18.29 -7.96 -18.16
C PHE C 9 -18.30 -8.65 -19.51
N GLU C 10 -17.58 -9.76 -19.65
CA GLU C 10 -17.55 -10.48 -20.91
C GLU C 10 -18.95 -10.83 -21.44
N LYS C 11 -19.81 -11.36 -20.57
CA LYS C 11 -21.15 -11.73 -21.00
C LYS C 11 -21.99 -10.52 -21.44
N LYS C 12 -21.51 -9.31 -21.18
CA LYS C 12 -22.25 -8.09 -21.54
C LYS C 12 -21.45 -7.22 -22.49
N SER C 13 -20.34 -7.75 -23.01
CA SER C 13 -19.49 -6.97 -23.91
C SER C 13 -19.02 -5.70 -23.22
N LEU C 14 -18.71 -5.81 -21.94
CA LEU C 14 -18.22 -4.68 -21.15
C LEU C 14 -16.80 -5.03 -20.64
N GLU C 15 -15.90 -4.05 -20.64
CA GLU C 15 -14.55 -4.31 -20.15
C GLU C 15 -14.36 -3.60 -18.83
N ASP C 16 -13.55 -4.18 -17.95
CA ASP C 16 -13.30 -3.54 -16.67
C ASP C 16 -12.25 -2.46 -16.88
N LYS C 17 -12.01 -1.67 -15.84
CA LYS C 17 -11.08 -0.56 -15.92
C LYS C 17 -9.63 -0.82 -16.27
N THR C 18 -9.10 -1.97 -15.91
CA THR C 18 -7.69 -2.18 -16.19
C THR C 18 -7.31 -3.38 -17.06
N GLU C 19 -8.27 -4.12 -17.59
CA GLU C 19 -7.90 -5.30 -18.39
C GLU C 19 -7.14 -4.98 -19.68
N ARG C 20 -7.35 -3.80 -20.23
CA ARG C 20 -6.64 -3.45 -21.44
C ARG C 20 -5.13 -3.41 -21.14
N GLU C 21 -4.77 -3.11 -19.89
CA GLU C 21 -3.36 -3.06 -19.48
C GLU C 21 -2.75 -4.46 -19.55
N LEU C 22 -3.54 -5.48 -19.23
CA LEU C 22 -3.04 -6.85 -19.32
C LEU C 22 -2.83 -7.17 -20.80
N LEU C 23 -3.89 -6.96 -21.59
CA LEU C 23 -3.84 -7.24 -23.01
C LEU C 23 -2.60 -6.60 -23.65
N GLU C 24 -2.35 -5.34 -23.34
CA GLU C 24 -1.18 -4.63 -23.89
C GLU C 24 0.11 -5.37 -23.58
N SER C 25 0.26 -5.86 -22.35
CA SER C 25 1.47 -6.58 -21.96
C SER C 25 1.64 -7.90 -22.71
N TYR C 26 0.55 -8.42 -23.29
CA TYR C 26 0.60 -9.69 -24.02
C TYR C 26 1.04 -9.48 -25.47
N ILE C 27 1.11 -8.21 -25.87
CA ILE C 27 1.56 -7.81 -27.21
C ILE C 27 2.81 -6.96 -26.94
N ASP C 28 2.97 -6.55 -25.69
CA ASP C 28 4.09 -5.72 -25.23
C ASP C 28 5.07 -6.58 -24.42
N ILE D 1 -3.42 -6.72 -0.05
CA ILE D 1 -2.99 -5.87 -1.17
C ILE D 1 -2.49 -4.52 -0.66
N VAL D 2 -1.42 -4.01 -1.28
CA VAL D 2 -0.85 -2.73 -0.90
C VAL D 2 -0.98 -1.75 -2.05
N GLU D 3 -1.55 -0.58 -1.76
CA GLU D 3 -1.73 0.45 -2.78
C GLU D 3 -2.37 -0.09 -4.05
N GLY D 4 -3.43 -0.87 -3.87
CA GLY D 4 -4.13 -1.41 -5.02
C GLY D 4 -5.23 -0.45 -5.39
N SER D 5 -6.09 -0.85 -6.30
CA SER D 5 -7.20 0.01 -6.66
C SER D 5 -8.49 -0.75 -6.36
N ASP D 6 -9.60 -0.03 -6.24
CA ASP D 6 -10.86 -0.70 -5.95
C ASP D 6 -11.29 -1.53 -7.14
N ALA D 7 -11.79 -2.73 -6.86
CA ALA D 7 -12.29 -3.58 -7.92
C ALA D 7 -13.70 -3.07 -8.26
N GLU D 8 -14.12 -3.29 -9.50
CA GLU D 8 -15.48 -2.93 -9.90
C GLU D 8 -16.35 -4.11 -9.48
N ILE D 9 -17.63 -3.87 -9.29
CA ILE D 9 -18.55 -4.93 -8.88
C ILE D 9 -18.54 -6.07 -9.90
N GLY D 10 -18.47 -7.29 -9.40
CA GLY D 10 -18.47 -8.48 -10.24
C GLY D 10 -17.23 -8.63 -11.07
N MET D 11 -16.17 -7.89 -10.73
CA MET D 11 -14.91 -7.96 -11.48
C MET D 11 -14.10 -9.24 -11.26
N SER D 12 -14.28 -9.88 -10.11
CA SER D 12 -13.55 -11.12 -9.78
C SER D 12 -14.58 -12.01 -9.09
N PRO D 13 -15.57 -12.52 -9.86
CA PRO D 13 -16.63 -13.37 -9.35
C PRO D 13 -16.21 -14.71 -8.80
N TRP D 14 -14.95 -15.06 -9.01
CA TRP D 14 -14.40 -16.32 -8.52
C TRP D 14 -13.64 -16.09 -7.21
N GLN D 15 -13.64 -14.84 -6.74
CA GLN D 15 -12.95 -14.51 -5.52
C GLN D 15 -13.55 -15.24 -4.31
N VAL D 16 -12.68 -15.85 -3.50
CA VAL D 16 -13.16 -16.49 -2.29
C VAL D 16 -12.35 -16.01 -1.10
N MET D 17 -13.00 -15.95 0.07
CA MET D 17 -12.31 -15.55 1.31
C MET D 17 -12.32 -16.74 2.26
N LEU D 18 -11.13 -17.15 2.74
CA LEU D 18 -11.10 -18.25 3.69
C LEU D 18 -10.99 -17.67 5.09
N PHE D 19 -11.94 -18.04 5.94
CA PHE D 19 -11.96 -17.55 7.30
C PHE D 19 -11.81 -18.65 8.32
N ARG D 20 -11.18 -18.30 9.42
CA ARG D 20 -11.13 -19.21 10.56
C ARG D 20 -12.55 -19.03 11.11
N LYS D 21 -13.21 -20.11 11.52
CA LYS D 21 -14.59 -19.98 12.02
C LYS D 21 -14.70 -19.31 13.41
N SER D 22 -13.82 -19.69 14.33
CA SER D 22 -13.84 -19.15 15.69
C SER D 22 -12.47 -19.25 16.36
N PRO D 23 -11.86 -18.10 16.72
CA PRO D 23 -12.40 -16.75 16.53
C PRO D 23 -12.49 -16.42 15.03
N GLN D 24 -13.31 -15.42 14.68
CA GLN D 24 -13.50 -15.05 13.28
C GLN D 24 -12.23 -14.36 12.78
N GLU D 25 -11.68 -14.78 11.66
CA GLU D 25 -10.44 -14.17 11.16
C GLU D 25 -10.21 -14.50 9.70
N LEU D 26 -9.98 -13.49 8.87
CA LEU D 26 -9.70 -13.74 7.46
C LEU D 26 -8.30 -14.36 7.41
N LEU D 27 -8.22 -15.60 6.97
CA LEU D 27 -6.93 -16.28 6.90
C LEU D 27 -6.19 -16.08 5.59
N CYS D 28 -6.90 -16.28 4.49
CA CYS D 28 -6.30 -16.18 3.17
C CYS D 28 -7.32 -15.92 2.09
N GLY D 29 -6.84 -15.73 0.86
CA GLY D 29 -7.74 -15.59 -0.26
C GLY D 29 -7.85 -17.00 -0.83
N ALA D 30 -8.69 -17.18 -1.83
CA ALA D 30 -8.91 -18.48 -2.48
C ALA D 30 -9.66 -18.17 -3.74
N SER D 31 -9.94 -19.18 -4.55
CA SER D 31 -10.65 -18.92 -5.79
C SER D 31 -11.65 -20.04 -6.07
N LEU D 32 -12.73 -19.71 -6.75
CA LEU D 32 -13.77 -20.70 -7.08
C LEU D 32 -13.45 -21.30 -8.45
N ILE D 33 -13.33 -22.62 -8.54
CA ILE D 33 -13.01 -23.25 -9.84
C ILE D 33 -14.14 -24.11 -10.40
N SER D 34 -15.18 -24.30 -9.58
CA SER D 34 -16.39 -25.04 -9.98
C SER D 34 -17.43 -24.78 -8.89
N ASP D 35 -18.59 -25.43 -8.98
CA ASP D 35 -19.59 -25.16 -7.96
C ASP D 35 -19.35 -25.81 -6.59
N ARG D 36 -18.32 -26.64 -6.50
CA ARG D 36 -17.99 -27.31 -5.25
C ARG D 36 -16.51 -27.29 -4.87
N TRP D 37 -15.66 -26.74 -5.73
CA TRP D 37 -14.24 -26.70 -5.44
C TRP D 37 -13.61 -25.31 -5.37
N VAL D 38 -12.79 -25.14 -4.34
CA VAL D 38 -12.10 -23.91 -4.10
C VAL D 38 -10.62 -24.18 -4.01
N LEU D 39 -9.86 -23.34 -4.71
CA LEU D 39 -8.41 -23.46 -4.76
C LEU D 39 -7.75 -22.42 -3.87
N THR D 40 -6.73 -22.81 -3.11
CA THR D 40 -5.98 -21.86 -2.28
C THR D 40 -4.52 -22.36 -2.07
N ALA D 41 -3.78 -21.70 -1.19
CA ALA D 41 -2.41 -22.10 -0.92
C ALA D 41 -2.35 -23.11 0.23
N ALA D 42 -1.51 -24.14 0.12
CA ALA D 42 -1.40 -25.09 1.22
C ALA D 42 -0.91 -24.43 2.51
N HIS D 43 -0.07 -23.39 2.44
CA HIS D 43 0.42 -22.84 3.69
C HIS D 43 -0.69 -22.11 4.49
N CYS D 44 -1.82 -21.89 3.83
CA CYS D 44 -2.96 -21.25 4.49
C CYS D 44 -3.64 -22.27 5.39
N LEU D 45 -3.46 -23.55 5.07
CA LEU D 45 -4.10 -24.61 5.80
C LEU D 45 -3.18 -25.43 6.69
N LEU D 46 -1.94 -25.55 6.28
CA LEU D 46 -0.98 -26.34 7.04
C LEU D 46 0.38 -25.68 7.16
N TYR D 47 0.78 -25.44 8.40
CA TYR D 47 2.08 -24.84 8.65
C TYR D 47 2.54 -25.16 10.08
N PRO D 48 3.07 -26.37 10.30
CA PRO D 48 3.58 -26.85 11.59
C PRO D 48 4.38 -25.82 12.41
N PRO D 49 5.23 -25.01 11.75
CA PRO D 49 6.00 -24.02 12.51
C PRO D 49 5.06 -23.24 13.45
N TRP D 50 4.06 -22.59 12.87
CA TRP D 50 3.08 -21.82 13.63
C TRP D 50 1.96 -22.72 14.13
N ASP D 51 2.23 -24.01 14.22
CA ASP D 51 1.24 -24.97 14.71
C ASP D 51 -0.11 -24.79 13.99
N LYS D 52 -0.06 -24.70 12.67
CA LYS D 52 -1.25 -24.52 11.85
C LYS D 52 -1.60 -25.81 11.09
N ASN D 53 -2.79 -26.34 11.32
CA ASN D 53 -3.22 -27.57 10.66
C ASN D 53 -4.73 -27.76 10.77
N PHE D 54 -5.47 -26.79 10.21
CA PHE D 54 -6.94 -26.81 10.22
C PHE D 54 -7.62 -28.06 9.71
N THR D 55 -8.80 -28.33 10.25
CA THR D 55 -9.61 -29.46 9.82
C THR D 55 -10.76 -28.73 9.16
N GLU D 56 -11.57 -29.44 8.40
CA GLU D 56 -12.70 -28.84 7.69
C GLU D 56 -13.64 -28.05 8.60
N ASN D 57 -13.82 -28.53 9.82
CA ASN D 57 -14.77 -27.87 10.73
C ASN D 57 -14.28 -26.57 11.36
N ASP D 58 -13.02 -26.24 11.14
CA ASP D 58 -12.46 -25.03 11.70
C ASP D 58 -12.64 -23.84 10.77
N LEU D 59 -13.11 -24.07 9.55
CA LEU D 59 -13.14 -22.98 8.59
C LEU D 59 -14.49 -22.77 7.92
N LEU D 60 -14.56 -21.67 7.19
CA LEU D 60 -15.72 -21.41 6.38
C LEU D 60 -15.20 -20.48 5.29
N VAL D 61 -15.88 -20.42 4.15
CA VAL D 61 -15.44 -19.51 3.11
C VAL D 61 -16.61 -18.61 2.75
N ARG D 62 -16.30 -17.41 2.30
CA ARG D 62 -17.33 -16.47 1.86
C ARG D 62 -17.05 -16.15 0.42
N ILE D 63 -18.08 -16.34 -0.38
CA ILE D 63 -18.02 -16.23 -1.83
C ILE D 63 -18.97 -15.16 -2.35
N GLY D 64 -18.53 -14.44 -3.38
CA GLY D 64 -19.35 -13.40 -3.97
C GLY D 64 -19.25 -12.05 -3.32
N LYS D 65 -18.26 -11.86 -2.45
CA LYS D 65 -18.10 -10.59 -1.75
C LYS D 65 -17.46 -9.45 -2.50
N HIS D 66 -17.93 -8.24 -2.22
CA HIS D 66 -17.38 -7.07 -2.84
C HIS D 66 -16.92 -6.11 -1.75
N SER D 67 -17.76 -5.92 -0.74
CA SER D 67 -17.44 -5.03 0.39
C SER D 67 -16.77 -5.85 1.47
N ARG D 68 -15.71 -5.31 2.05
CA ARG D 68 -14.96 -6.01 3.08
C ARG D 68 -15.75 -6.34 4.35
N THR D 69 -16.69 -5.47 4.73
CA THR D 69 -17.43 -5.70 5.98
C THR D 69 -18.95 -5.83 5.91
N ARG D 70 -19.54 -5.51 4.77
CA ARG D 70 -21.00 -5.63 4.65
C ARG D 70 -21.44 -7.08 4.66
N TYR D 71 -22.69 -7.30 5.04
CA TYR D 71 -23.30 -8.63 5.02
C TYR D 71 -24.06 -8.47 3.73
N GLU D 72 -23.59 -9.11 2.66
CA GLU D 72 -24.23 -8.93 1.36
C GLU D 72 -25.23 -10.06 1.14
N ALA D 73 -26.32 -9.98 1.91
CA ALA D 73 -27.38 -10.96 1.82
C ALA D 73 -27.86 -10.90 0.39
N ASN D 74 -28.29 -12.04 -0.13
CA ASN D 74 -28.80 -12.09 -1.50
C ASN D 74 -27.67 -12.10 -2.53
N ILE D 75 -26.43 -11.83 -2.10
CA ILE D 75 -25.31 -11.84 -3.04
C ILE D 75 -24.20 -12.81 -2.64
N GLU D 76 -23.72 -12.69 -1.42
CA GLU D 76 -22.64 -13.57 -0.96
C GLU D 76 -23.15 -14.88 -0.39
N LYS D 77 -22.28 -15.89 -0.45
CA LYS D 77 -22.61 -17.20 0.08
C LYS D 77 -21.58 -17.58 1.11
N ILE D 78 -22.05 -18.11 2.23
CA ILE D 78 -21.18 -18.54 3.30
C ILE D 78 -21.29 -20.05 3.25
N SER D 79 -20.19 -20.71 2.89
CA SER D 79 -20.22 -22.18 2.77
C SER D 79 -19.28 -22.90 3.72
N MET D 80 -19.72 -24.08 4.14
CA MET D 80 -18.92 -24.92 5.01
C MET D 80 -18.12 -25.81 4.07
N LEU D 81 -17.09 -26.44 4.62
CA LEU D 81 -16.21 -27.31 3.86
C LEU D 81 -16.47 -28.78 4.20
N GLU D 82 -16.44 -29.64 3.20
CA GLU D 82 -16.65 -31.06 3.43
C GLU D 82 -15.27 -31.69 3.63
N LYS D 83 -14.33 -31.31 2.79
CA LYS D 83 -13.00 -31.88 2.88
C LYS D 83 -11.91 -30.97 2.35
N ILE D 84 -10.72 -31.13 2.93
CA ILE D 84 -9.54 -30.38 2.54
C ILE D 84 -8.49 -31.32 1.95
N TYR D 85 -7.84 -30.88 0.87
CA TYR D 85 -6.79 -31.68 0.23
C TYR D 85 -5.53 -30.85 0.04
N ILE D 86 -4.48 -31.21 0.78
CA ILE D 86 -3.20 -30.52 0.69
C ILE D 86 -2.34 -31.31 -0.30
N HIS D 87 -1.55 -30.64 -1.12
CA HIS D 87 -0.75 -31.39 -2.07
C HIS D 87 0.21 -32.29 -1.28
N PRO D 88 0.21 -33.60 -1.58
CA PRO D 88 1.08 -34.59 -0.90
C PRO D 88 2.57 -34.24 -0.86
N ARG D 89 3.05 -33.46 -1.83
CA ARG D 89 4.46 -33.10 -1.82
C ARG D 89 4.69 -31.64 -1.50
N TYR D 90 3.71 -31.02 -0.84
CA TYR D 90 3.84 -29.63 -0.42
C TYR D 90 4.99 -29.68 0.56
N ASN D 91 5.94 -28.76 0.39
CA ASN D 91 7.13 -28.71 1.22
C ASN D 91 7.20 -27.48 2.12
N TRP D 92 6.75 -27.64 3.37
CA TRP D 92 6.76 -26.53 4.34
C TRP D 92 8.03 -26.46 5.19
N ARG D 93 8.91 -27.44 5.02
CA ARG D 93 10.15 -27.46 5.78
C ARG D 93 11.30 -26.77 5.06
N GLU D 94 11.18 -26.57 3.76
CA GLU D 94 12.27 -25.92 3.00
C GLU D 94 11.92 -24.68 2.19
N ASN D 95 10.98 -24.77 1.25
CA ASN D 95 10.67 -23.61 0.43
C ASN D 95 9.21 -23.38 -0.03
N LEU D 96 8.23 -24.05 0.58
CA LEU D 96 6.83 -23.87 0.18
C LEU D 96 6.64 -24.34 -1.27
N ASP D 97 7.30 -25.42 -1.63
CA ASP D 97 7.19 -25.95 -2.98
C ASP D 97 5.83 -26.62 -3.09
N ARG D 98 5.18 -26.46 -4.24
CA ARG D 98 3.87 -27.08 -4.45
C ARG D 98 2.90 -26.60 -3.37
N ASP D 99 2.89 -25.30 -3.17
CA ASP D 99 2.03 -24.66 -2.18
C ASP D 99 0.66 -24.54 -2.79
N ILE D 100 -0.11 -25.61 -2.70
CA ILE D 100 -1.44 -25.63 -3.28
C ILE D 100 -2.33 -26.58 -2.50
N ALA D 101 -3.62 -26.26 -2.45
CA ALA D 101 -4.60 -27.06 -1.74
C ALA D 101 -5.99 -26.85 -2.32
N LEU D 102 -6.82 -27.87 -2.22
CA LEU D 102 -8.18 -27.80 -2.72
C LEU D 102 -9.10 -28.02 -1.52
N MET D 103 -10.25 -27.35 -1.56
CA MET D 103 -11.24 -27.48 -0.51
C MET D 103 -12.55 -27.76 -1.20
N LYS D 104 -13.19 -28.84 -0.79
CA LYS D 104 -14.47 -29.21 -1.35
C LYS D 104 -15.56 -28.67 -0.46
N LEU D 105 -16.50 -27.95 -1.05
CA LEU D 105 -17.59 -27.35 -0.29
C LEU D 105 -18.59 -28.42 0.13
N LYS D 106 -19.20 -28.23 1.30
CA LYS D 106 -20.18 -29.16 1.83
C LYS D 106 -21.35 -29.24 0.86
N LYS D 107 -21.74 -28.10 0.32
CA LYS D 107 -22.83 -28.05 -0.64
C LYS D 107 -22.39 -27.19 -1.83
N PRO D 108 -22.93 -27.47 -3.03
CA PRO D 108 -22.57 -26.69 -4.22
C PRO D 108 -23.11 -25.26 -4.12
N VAL D 109 -22.37 -24.31 -4.66
CA VAL D 109 -22.78 -22.93 -4.63
C VAL D 109 -23.42 -22.59 -5.96
N ALA D 110 -24.52 -21.87 -5.94
CA ALA D 110 -25.15 -21.51 -7.20
C ALA D 110 -24.42 -20.31 -7.78
N PHE D 111 -24.23 -20.30 -9.09
CA PHE D 111 -23.56 -19.19 -9.73
C PHE D 111 -24.53 -18.03 -9.91
N SER D 112 -23.99 -16.84 -10.04
CA SER D 112 -24.82 -15.65 -10.23
C SER D 112 -24.01 -14.63 -10.99
N ASP D 113 -24.47 -13.38 -10.98
CA ASP D 113 -23.72 -12.33 -11.64
C ASP D 113 -22.44 -12.05 -10.83
N TYR D 114 -22.47 -12.45 -9.55
CA TYR D 114 -21.37 -12.21 -8.60
C TYR D 114 -20.54 -13.44 -8.18
N ILE D 115 -21.01 -14.63 -8.53
CA ILE D 115 -20.31 -15.87 -8.18
C ILE D 115 -20.20 -16.66 -9.46
N HIS D 116 -18.98 -16.85 -9.93
CA HIS D 116 -18.73 -17.56 -11.18
C HIS D 116 -17.33 -18.12 -11.10
N PRO D 117 -17.11 -19.32 -11.64
CA PRO D 117 -15.76 -19.89 -11.56
C PRO D 117 -14.77 -19.37 -12.59
N VAL D 118 -13.49 -19.41 -12.21
CA VAL D 118 -12.39 -18.98 -13.08
C VAL D 118 -11.92 -20.26 -13.79
N CYS D 119 -11.27 -20.12 -14.94
CA CYS D 119 -10.78 -21.31 -15.66
C CYS D 119 -9.40 -21.71 -15.12
N LEU D 120 -9.10 -23.01 -15.19
CA LEU D 120 -7.79 -23.49 -14.81
C LEU D 120 -7.02 -23.43 -16.13
N PRO D 121 -5.71 -23.17 -16.07
CA PRO D 121 -4.98 -23.10 -17.34
C PRO D 121 -4.81 -24.47 -17.99
N ASP D 122 -4.63 -24.47 -19.30
CA ASP D 122 -4.38 -25.69 -20.05
C ASP D 122 -3.03 -25.46 -20.74
N ARG D 123 -2.56 -26.47 -21.46
CA ARG D 123 -1.27 -26.37 -22.15
C ARG D 123 -1.15 -25.15 -23.05
N GLU D 124 -2.18 -24.86 -23.84
CA GLU D 124 -2.21 -23.72 -24.75
C GLU D 124 -2.10 -22.41 -23.99
N THR D 125 -2.86 -22.32 -22.89
CA THR D 125 -2.89 -21.12 -22.07
C THR D 125 -1.51 -20.87 -21.43
N ALA D 126 -0.93 -21.91 -20.84
CA ALA D 126 0.37 -21.75 -20.21
C ALA D 126 1.45 -21.27 -21.18
N ALA D 127 1.47 -21.86 -22.38
CA ALA D 127 2.47 -21.49 -23.38
C ALA D 127 2.30 -20.06 -23.87
N SER D 128 1.05 -19.66 -24.04
CA SER D 128 0.77 -18.32 -24.54
C SER D 128 0.92 -17.18 -23.54
N LEU D 129 0.46 -17.39 -22.31
CA LEU D 129 0.49 -16.30 -21.32
C LEU D 129 1.59 -16.30 -20.28
N LEU D 130 2.14 -17.45 -19.94
CA LEU D 130 3.18 -17.48 -18.92
C LEU D 130 4.54 -17.11 -19.50
N GLN D 131 4.68 -15.84 -19.87
CA GLN D 131 5.91 -15.31 -20.46
C GLN D 131 6.33 -14.13 -19.60
N ALA D 132 7.63 -13.87 -19.51
CA ALA D 132 8.11 -12.74 -18.72
C ALA D 132 7.59 -11.42 -19.29
N GLY D 133 7.22 -10.51 -18.39
CA GLY D 133 6.71 -9.23 -18.84
C GLY D 133 5.19 -9.24 -19.03
N TYR D 134 4.60 -10.41 -19.19
CA TYR D 134 3.15 -10.47 -19.36
C TYR D 134 2.52 -10.17 -18.00
N LYS D 135 1.48 -9.36 -17.99
CA LYS D 135 0.85 -9.01 -16.72
C LYS D 135 -0.32 -9.86 -16.30
N GLY D 136 -0.38 -10.14 -15.01
CA GLY D 136 -1.47 -10.90 -14.43
C GLY D 136 -2.14 -10.02 -13.37
N ARG D 137 -3.33 -10.40 -12.91
CA ARG D 137 -4.06 -9.64 -11.90
C ARG D 137 -4.19 -10.38 -10.57
N VAL D 138 -3.86 -9.71 -9.48
CA VAL D 138 -3.99 -10.32 -8.17
C VAL D 138 -5.06 -9.53 -7.40
N THR D 139 -5.90 -10.24 -6.64
CA THR D 139 -6.98 -9.61 -5.88
C THR D 139 -6.92 -10.03 -4.43
N GLY D 140 -7.31 -9.12 -3.54
CA GLY D 140 -7.25 -9.41 -2.13
C GLY D 140 -7.78 -8.22 -1.34
N TRP D 141 -7.48 -8.22 -0.05
CA TRP D 141 -8.02 -7.17 0.86
C TRP D 141 -6.94 -6.39 1.59
N GLY D 142 -6.79 -6.60 2.91
CA GLY D 142 -5.78 -5.88 3.72
C GLY D 142 -6.33 -4.49 4.00
N ASN D 143 -7.65 -4.51 3.98
CA ASN D 143 -8.57 -3.41 4.03
C ASN D 143 -9.47 -3.21 5.22
N LEU D 144 -9.35 -4.05 6.22
CA LEU D 144 -10.30 -3.99 7.32
C LEU D 144 -10.35 -2.71 8.16
N LYS D 145 -11.55 -2.19 8.36
CA LYS D 145 -11.76 -1.01 9.20
C LYS D 145 -13.22 -1.01 9.66
N GLU D 146 -13.52 -0.34 10.76
CA GLU D 146 -14.88 -0.29 11.24
C GLU D 146 -15.63 0.84 10.55
N THR D 147 -16.95 0.75 10.47
CA THR D 147 -17.79 1.76 9.83
C THR D 147 -17.56 3.17 10.34
N GLN D 156 -16.11 5.99 1.98
CA GLN D 156 -14.92 5.28 1.52
C GLN D 156 -14.96 3.82 1.96
N PRO D 157 -16.08 3.11 1.74
CA PRO D 157 -16.16 1.70 2.14
C PRO D 157 -15.05 0.85 1.54
N SER D 158 -14.56 -0.11 2.31
CA SER D 158 -13.48 -0.97 1.84
C SER D 158 -14.04 -2.06 0.92
N VAL D 159 -13.56 -2.11 -0.32
CA VAL D 159 -14.04 -3.14 -1.23
C VAL D 159 -12.83 -3.92 -1.71
N LEU D 160 -13.09 -4.96 -2.47
CA LEU D 160 -12.01 -5.81 -3.00
C LEU D 160 -10.95 -4.97 -3.71
N GLN D 161 -9.67 -5.29 -3.45
CA GLN D 161 -8.55 -4.57 -4.04
C GLN D 161 -7.92 -5.37 -5.18
N VAL D 162 -7.36 -4.66 -6.14
CA VAL D 162 -6.74 -5.29 -7.29
C VAL D 162 -5.41 -4.63 -7.69
N VAL D 163 -4.49 -5.43 -8.20
CA VAL D 163 -3.23 -4.90 -8.70
C VAL D 163 -2.85 -5.78 -9.88
N ASN D 164 -2.23 -5.19 -10.91
CA ASN D 164 -1.80 -5.95 -12.09
C ASN D 164 -0.28 -5.94 -12.02
N LEU D 165 0.32 -7.14 -12.06
CA LEU D 165 1.77 -7.31 -11.96
C LEU D 165 2.42 -8.12 -13.10
N PRO D 166 3.59 -7.68 -13.59
CA PRO D 166 4.22 -8.42 -14.68
C PRO D 166 5.00 -9.64 -14.20
N ILE D 167 4.97 -10.71 -15.00
CA ILE D 167 5.72 -11.91 -14.64
C ILE D 167 7.22 -11.59 -14.81
N VAL D 168 8.06 -12.18 -13.98
CA VAL D 168 9.50 -11.89 -14.05
C VAL D 168 10.34 -13.07 -14.60
N GLU D 169 11.38 -12.74 -15.36
CA GLU D 169 12.27 -13.77 -15.92
C GLU D 169 12.80 -14.60 -14.77
N ARG D 170 12.74 -15.92 -14.92
CA ARG D 170 13.17 -16.83 -13.87
C ARG D 170 14.57 -16.54 -13.31
N PRO D 171 15.52 -16.14 -14.18
CA PRO D 171 16.86 -15.86 -13.67
C PRO D 171 16.77 -14.71 -12.67
N VAL D 172 16.11 -13.63 -13.09
CA VAL D 172 15.94 -12.46 -12.23
C VAL D 172 15.24 -12.83 -10.92
N CYS D 173 14.25 -13.72 -11.00
CA CYS D 173 13.54 -14.15 -9.80
C CYS D 173 14.48 -14.96 -8.92
N LYS D 174 15.07 -16.02 -9.49
CA LYS D 174 15.99 -16.90 -8.78
C LYS D 174 17.08 -16.09 -8.07
N ASP D 175 17.49 -14.99 -8.71
CA ASP D 175 18.53 -14.12 -8.16
C ASP D 175 17.92 -12.85 -7.57
N SER D 176 17.15 -13.02 -6.51
CA SER D 176 16.52 -11.90 -5.82
C SER D 176 16.15 -12.43 -4.44
N THR D 177 16.26 -13.75 -4.29
CA THR D 177 15.94 -14.41 -3.04
C THR D 177 16.96 -15.49 -2.73
N ARG D 178 17.14 -15.74 -1.44
CA ARG D 178 18.08 -16.74 -0.96
C ARG D 178 17.34 -18.09 -0.92
N ILE D 179 16.07 -18.07 -1.31
CA ILE D 179 15.26 -19.27 -1.32
C ILE D 179 15.42 -20.03 -2.63
N ARG D 180 15.41 -21.35 -2.55
CA ARG D 180 15.54 -22.21 -3.72
C ARG D 180 14.17 -22.27 -4.40
N ILE D 181 14.01 -21.56 -5.51
CA ILE D 181 12.73 -21.56 -6.20
C ILE D 181 12.64 -22.67 -7.26
N THR D 182 11.57 -23.45 -7.20
CA THR D 182 11.40 -24.56 -8.12
C THR D 182 10.62 -24.15 -9.36
N ASP D 183 10.45 -25.12 -10.26
CA ASP D 183 9.73 -24.87 -11.50
C ASP D 183 8.22 -24.81 -11.22
N ASN D 184 7.83 -25.10 -9.99
CA ASN D 184 6.42 -25.07 -9.57
C ASN D 184 6.10 -23.67 -9.01
N MET D 185 6.99 -22.73 -9.30
CA MET D 185 6.85 -21.36 -8.85
C MET D 185 7.24 -20.41 -9.94
N PHE D 186 6.65 -19.21 -9.92
CA PHE D 186 7.06 -18.15 -10.82
C PHE D 186 6.99 -16.91 -9.95
N CYS D 187 7.50 -15.79 -10.41
CA CYS D 187 7.45 -14.60 -9.57
C CYS D 187 6.96 -13.44 -10.40
N ALA D 188 6.43 -12.43 -9.73
CA ALA D 188 5.89 -11.29 -10.44
C ALA D 188 6.08 -10.00 -9.65
N GLY D 189 6.07 -8.88 -10.36
CA GLY D 189 6.23 -7.59 -9.71
C GLY D 189 7.07 -6.64 -10.55
N TYR D 190 7.18 -5.39 -10.14
CA TYR D 190 7.98 -4.41 -10.87
C TYR D 190 9.38 -4.30 -10.28
N LYS D 191 10.33 -3.85 -11.10
CA LYS D 191 11.69 -3.66 -10.59
C LYS D 191 11.57 -2.57 -9.53
N PRO D 192 12.30 -2.73 -8.41
CA PRO D 192 12.26 -1.75 -7.31
C PRO D 192 12.14 -0.29 -7.75
N ASP D 193 12.72 0.01 -8.91
CA ASP D 193 12.65 1.36 -9.48
C ASP D 193 11.39 1.44 -10.35
N GLU D 194 11.55 1.10 -11.63
CA GLU D 194 10.47 1.08 -12.62
C GLU D 194 9.14 1.63 -12.10
N GLY D 195 9.16 2.90 -11.72
CA GLY D 195 7.99 3.60 -11.19
C GLY D 195 6.62 2.93 -11.32
N LYS D 196 6.28 2.09 -10.35
CA LYS D 196 4.99 1.41 -10.34
C LYS D 196 4.60 0.92 -8.94
N ARG D 197 3.61 1.61 -8.36
CA ARG D 197 3.12 1.30 -7.02
C ARG D 197 1.98 0.28 -7.04
N GLY D 198 1.91 -0.56 -6.02
CA GLY D 198 0.86 -1.54 -5.95
C GLY D 198 1.45 -2.93 -5.94
N ASP D 199 1.09 -3.73 -4.95
CA ASP D 199 1.63 -5.07 -4.88
C ASP D 199 0.80 -5.98 -4.01
N ALA D 200 1.12 -7.25 -4.09
CA ALA D 200 0.48 -8.29 -3.32
C ALA D 200 1.54 -8.66 -2.30
N CYS D 201 1.15 -8.82 -1.06
CA CYS D 201 2.12 -9.18 -0.04
C CYS D 201 1.54 -10.27 0.81
N GLU D 202 2.22 -10.61 1.90
CA GLU D 202 1.72 -11.63 2.81
C GLU D 202 0.33 -11.10 3.17
N GLY D 203 -0.63 -11.97 3.40
CA GLY D 203 -1.96 -11.48 3.70
C GLY D 203 -2.82 -11.81 2.50
N ASP D 204 -2.26 -11.64 1.31
CA ASP D 204 -2.97 -11.97 0.07
C ASP D 204 -2.75 -13.42 -0.32
N SER D 205 -1.96 -14.13 0.49
CA SER D 205 -1.66 -15.54 0.26
C SER D 205 -2.91 -16.30 -0.08
N GLY D 206 -2.78 -17.29 -0.98
CA GLY D 206 -3.90 -18.12 -1.37
C GLY D 206 -4.78 -17.53 -2.48
N GLY D 207 -4.72 -16.22 -2.64
CA GLY D 207 -5.52 -15.53 -3.65
C GLY D 207 -5.02 -15.83 -5.06
N PRO D 208 -5.88 -15.63 -6.06
CA PRO D 208 -5.57 -15.89 -7.47
C PRO D 208 -4.79 -14.84 -8.23
N PHE D 209 -3.90 -15.32 -9.10
CA PHE D 209 -3.14 -14.48 -10.04
C PHE D 209 -3.81 -14.88 -11.36
N VAL D 210 -4.57 -13.99 -11.96
CA VAL D 210 -5.27 -14.36 -13.21
C VAL D 210 -4.86 -13.58 -14.43
N MET D 211 -5.07 -14.20 -15.59
CA MET D 211 -4.74 -13.58 -16.86
C MET D 211 -5.91 -13.83 -17.82
N LYS D 212 -6.21 -12.83 -18.63
CA LYS D 212 -7.30 -12.92 -19.58
C LYS D 212 -6.78 -13.31 -20.97
N SER D 213 -7.23 -14.44 -21.48
CA SER D 213 -6.74 -14.88 -22.80
C SER D 213 -7.31 -14.06 -23.94
N PRO D 214 -6.43 -13.47 -24.78
CA PRO D 214 -6.95 -12.69 -25.89
C PRO D 214 -7.54 -13.63 -26.96
N PHE D 215 -7.31 -14.95 -26.83
CA PHE D 215 -7.88 -15.90 -27.81
C PHE D 215 -9.38 -16.10 -27.60
N ASN D 216 -9.78 -16.48 -26.39
CA ASN D 216 -11.20 -16.72 -26.11
C ASN D 216 -11.84 -15.76 -25.09
N ASN D 217 -11.10 -14.74 -24.64
CA ASN D 217 -11.61 -13.77 -23.67
C ASN D 217 -11.99 -14.34 -22.32
N ARG D 218 -11.42 -15.48 -21.96
CA ARG D 218 -11.73 -16.05 -20.66
C ARG D 218 -10.58 -15.80 -19.72
N TRP D 219 -10.90 -15.69 -18.43
CA TRP D 219 -9.91 -15.48 -17.39
C TRP D 219 -9.41 -16.83 -16.90
N TYR D 220 -8.10 -16.92 -16.77
CA TYR D 220 -7.42 -18.13 -16.31
C TYR D 220 -6.61 -17.90 -15.04
N GLN D 221 -6.67 -18.84 -14.11
CA GLN D 221 -5.86 -18.66 -12.92
C GLN D 221 -4.51 -19.34 -13.14
N MET D 222 -3.48 -18.51 -13.36
CA MET D 222 -2.14 -19.00 -13.63
C MET D 222 -1.32 -19.18 -12.37
N GLY D 223 -1.66 -18.45 -11.31
CA GLY D 223 -0.89 -18.60 -10.08
C GLY D 223 -1.72 -18.46 -8.82
N ILE D 224 -1.09 -18.75 -7.69
CA ILE D 224 -1.71 -18.63 -6.37
C ILE D 224 -0.67 -17.86 -5.54
N VAL D 225 -1.10 -16.79 -4.88
CA VAL D 225 -0.15 -16.03 -4.08
C VAL D 225 0.45 -17.00 -3.06
N SER D 226 1.76 -17.19 -3.11
CA SER D 226 2.44 -18.14 -2.20
C SER D 226 3.22 -17.42 -1.11
N TRP D 227 4.06 -16.46 -1.50
CA TRP D 227 4.79 -15.69 -0.50
C TRP D 227 5.37 -14.45 -1.14
N GLY D 228 5.26 -13.32 -0.43
CA GLY D 228 5.75 -12.07 -0.98
C GLY D 228 6.93 -11.44 -0.28
N GLU D 229 7.67 -10.62 -1.03
CA GLU D 229 8.84 -9.91 -0.52
C GLU D 229 8.77 -8.44 -0.97
N GLY D 230 7.79 -8.13 -1.81
CA GLY D 230 7.62 -6.77 -2.30
C GLY D 230 7.45 -5.74 -1.18
N CYS D 231 6.98 -6.20 -0.03
CA CYS D 231 6.79 -5.32 1.13
C CYS D 231 7.96 -5.40 2.09
N LYS D 236 11.76 -6.50 -3.85
CA LYS D 236 11.90 -7.86 -4.35
C LYS D 236 10.68 -8.23 -5.19
N TYR D 237 10.35 -9.51 -5.21
CA TYR D 237 9.22 -10.01 -6.00
C TYR D 237 8.29 -10.91 -5.21
N GLY D 238 7.07 -11.08 -5.72
CA GLY D 238 6.13 -11.96 -5.06
C GLY D 238 6.24 -13.31 -5.74
N PHE D 239 6.16 -14.40 -4.98
CA PHE D 239 6.22 -15.71 -5.58
C PHE D 239 4.86 -16.38 -5.57
N TYR D 240 4.54 -17.00 -6.70
CA TYR D 240 3.27 -17.64 -6.95
C TYR D 240 3.38 -19.10 -7.31
N THR D 241 2.46 -19.89 -6.82
CA THR D 241 2.43 -21.30 -7.18
C THR D 241 2.01 -21.37 -8.64
N HIS D 242 2.76 -22.15 -9.40
CA HIS D 242 2.53 -22.35 -10.83
C HIS D 242 1.37 -23.34 -11.01
N VAL D 243 0.14 -22.82 -11.08
CA VAL D 243 -1.02 -23.70 -11.19
C VAL D 243 -0.97 -24.75 -12.34
N PHE D 244 -0.55 -24.33 -13.53
CA PHE D 244 -0.54 -25.31 -14.61
C PHE D 244 0.36 -26.51 -14.29
N ARG D 245 1.52 -26.26 -13.71
CA ARG D 245 2.46 -27.34 -13.35
C ARG D 245 1.83 -28.34 -12.39
N LEU D 246 0.83 -27.88 -11.65
CA LEU D 246 0.21 -28.76 -10.69
C LEU D 246 -1.19 -29.22 -11.11
N LYS D 247 -1.54 -28.94 -12.38
CA LYS D 247 -2.86 -29.30 -12.92
C LYS D 247 -3.23 -30.78 -12.79
N LYS D 248 -2.30 -31.69 -13.03
CA LYS D 248 -2.61 -33.11 -12.93
C LYS D 248 -3.09 -33.47 -11.54
N TRP D 249 -2.38 -32.98 -10.53
CA TRP D 249 -2.81 -33.25 -9.16
C TRP D 249 -4.21 -32.68 -8.99
N ILE D 250 -4.44 -31.44 -9.44
CA ILE D 250 -5.76 -30.86 -9.31
C ILE D 250 -6.85 -31.75 -9.92
N GLN D 251 -6.63 -32.22 -11.15
CA GLN D 251 -7.61 -33.08 -11.80
C GLN D 251 -7.73 -34.39 -11.06
N LYS D 252 -6.60 -34.91 -10.61
CA LYS D 252 -6.56 -36.17 -9.84
C LYS D 252 -7.59 -36.11 -8.71
N VAL D 253 -7.42 -35.14 -7.82
CA VAL D 253 -8.31 -34.94 -6.68
C VAL D 253 -9.77 -34.75 -7.07
N ILE D 254 -10.05 -33.81 -7.95
CA ILE D 254 -11.42 -33.56 -8.36
C ILE D 254 -12.06 -34.79 -9.01
N ASP D 255 -11.25 -35.55 -9.74
CA ASP D 255 -11.74 -36.74 -10.42
C ASP D 255 -12.14 -37.84 -9.44
N GLN D 256 -11.25 -38.13 -8.51
CA GLN D 256 -11.48 -39.15 -7.50
C GLN D 256 -12.23 -38.64 -6.27
N PHE D 257 -11.73 -37.53 -5.71
CA PHE D 257 -12.26 -36.89 -4.50
C PHE D 257 -11.43 -37.36 -3.31
#